data_3SFH
#
_entry.id   3SFH
#
_cell.length_a   57.643
_cell.length_b   53.366
_cell.length_c   60.893
_cell.angle_alpha   90.00
_cell.angle_beta   109.47
_cell.angle_gamma   90.00
#
_symmetry.space_group_name_H-M   'P 1 21 1'
#
loop_
_entity.id
_entity.type
_entity.pdbx_description
1 polymer 'Histone deacetylase 8'
2 non-polymer 'POTASSIUM ION'
3 non-polymer 'ZINC ION'
4 non-polymer 'ACETATE ION'
5 non-polymer (2R)-2-amino-3-(2,4-dichlorophenyl)-1-(1,3-dihydro-2H-isoindol-2-yl)propan-1-one
6 water water
#
_entity_poly.entity_id   1
_entity_poly.type   'polypeptide(L)'
_entity_poly.pdbx_seq_one_letter_code
;SMEEPEEPADSGQSLVPVYIYSPEYVSMCDSLAKIPKRASMVHSLIEAYALHKQMRIVKPKVASMEEMATFHTDAYLQHL
QKVSQEGDDDHPDSIEYGLGYDCPATEGIFDYAAAIGGATITAAQCLIDGMCKVAINWSGGWHHAKKDEASGFCYLNDAV
LGILRLRRKFERILYVDLDLHHGDGVEDAFSFTSKVMTVSLHKFSPGFFPGTGDVSDVGLGKGRYYSVNVPIQDGIQDEK
YYQICESVLKEVYQAFNPKAVVLQLGADTIAGDPMCSFNMTPVGIGKCLKYILQWQLATLILGGGGYNLANTARCWTYLT
GVILGKTLSSEIPDHEFFTAYGPDYVLEITPSCRPDRNEPHRIQQILNYIKGNLKHVV
;
_entity_poly.pdbx_strand_id   A
#
loop_
_chem_comp.id
_chem_comp.type
_chem_comp.name
_chem_comp.formula
1DI non-polymer (2R)-2-amino-3-(2,4-dichlorophenyl)-1-(1,3-dihydro-2H-isoindol-2-yl)propan-1-one 'C17 H16 Cl2 N2 O'
ACT non-polymer 'ACETATE ION' 'C2 H3 O2 -1'
K non-polymer 'POTASSIUM ION' 'K 1'
ZN non-polymer 'ZINC ION' 'Zn 2'
#
# COMPACT_ATOMS: atom_id res chain seq x y z
N LEU A 15 -20.71 8.32 7.37
CA LEU A 15 -19.68 7.96 6.35
C LEU A 15 -18.28 8.29 6.86
N VAL A 16 -17.98 7.82 8.07
CA VAL A 16 -16.69 8.08 8.69
C VAL A 16 -15.76 6.93 8.30
N PRO A 17 -14.44 7.18 8.27
CA PRO A 17 -13.54 6.11 7.83
C PRO A 17 -13.61 4.86 8.72
N VAL A 18 -13.56 3.68 8.08
CA VAL A 18 -13.51 2.43 8.82
C VAL A 18 -12.08 2.02 9.12
N TYR A 19 -11.85 1.64 10.36
CA TYR A 19 -10.52 1.26 10.80
C TYR A 19 -10.52 -0.21 11.19
N ILE A 20 -9.85 -1.03 10.39
CA ILE A 20 -9.90 -2.48 10.58
C ILE A 20 -8.98 -2.89 11.72
N TYR A 21 -9.56 -3.11 12.88
CA TYR A 21 -8.80 -3.43 14.06
C TYR A 21 -9.53 -4.39 14.98
N SER A 22 -8.77 -5.28 15.58
CA SER A 22 -9.19 -6.00 16.78
C SER A 22 -7.89 -6.28 17.52
N PRO A 23 -7.99 -6.52 18.83
CA PRO A 23 -6.79 -6.84 19.61
C PRO A 23 -6.09 -8.10 19.11
N GLU A 24 -6.89 -9.08 18.68
CA GLU A 24 -6.37 -10.35 18.22
C GLU A 24 -5.66 -10.18 16.88
N TYR A 25 -6.13 -9.24 16.07
CA TYR A 25 -5.51 -8.98 14.78
C TYR A 25 -4.13 -8.36 14.98
N VAL A 26 -4.04 -7.42 15.91
CA VAL A 26 -2.79 -6.75 16.21
C VAL A 26 -1.81 -7.68 16.90
N SER A 27 -2.29 -8.45 17.86
CA SER A 27 -1.43 -9.37 18.59
C SER A 27 -0.82 -10.39 17.65
N MET A 28 -1.56 -10.75 16.61
CA MET A 28 -1.07 -11.73 15.66
C MET A 28 -0.01 -11.14 14.74
N CYS A 29 -0.35 -10.06 14.06
CA CYS A 29 0.59 -9.37 13.19
C CYS A 29 1.86 -8.99 13.93
N ASP A 30 1.73 -8.78 15.24
CA ASP A 30 2.85 -8.41 16.09
C ASP A 30 4.01 -9.39 15.96
N SER A 31 3.68 -10.64 15.68
CA SER A 31 4.69 -11.69 15.68
C SER A 31 5.20 -12.02 14.28
N LEU A 32 4.91 -11.15 13.32
CA LEU A 32 5.45 -11.29 11.98
C LEU A 32 6.94 -11.00 11.97
N ALA A 33 7.63 -11.55 10.98
CA ALA A 33 9.08 -11.71 11.02
C ALA A 33 9.85 -10.45 11.35
N LYS A 34 10.26 -9.73 10.30
CA LYS A 34 11.23 -8.66 10.49
C LYS A 34 10.53 -7.37 10.93
N ILE A 35 9.26 -7.49 11.32
CA ILE A 35 8.50 -6.34 11.79
C ILE A 35 7.83 -6.60 13.13
N PRO A 36 8.62 -6.97 14.14
CA PRO A 36 8.10 -7.39 15.44
C PRO A 36 7.37 -6.28 16.21
N LYS A 37 6.12 -6.54 16.56
CA LYS A 37 5.33 -5.61 17.36
C LYS A 37 4.92 -4.36 16.60
N ARG A 38 5.20 -4.33 15.30
CA ARG A 38 4.94 -3.15 14.47
C ARG A 38 3.45 -2.79 14.47
N ALA A 39 2.61 -3.82 14.34
CA ALA A 39 1.17 -3.60 14.30
C ALA A 39 0.67 -2.84 15.51
N SER A 40 1.17 -3.20 16.69
CA SER A 40 0.70 -2.58 17.92
C SER A 40 1.33 -1.20 18.10
N MET A 41 2.53 -1.03 17.55
CA MET A 41 3.16 0.29 17.55
C MET A 41 2.31 1.26 16.75
N VAL A 42 1.99 0.88 15.51
CA VAL A 42 1.09 1.66 14.69
C VAL A 42 -0.22 1.94 15.40
N HIS A 43 -0.85 0.89 15.92
CA HIS A 43 -2.15 1.01 16.54
C HIS A 43 -2.12 1.95 17.75
N SER A 44 -1.21 1.69 18.68
CA SER A 44 -1.18 2.45 19.91
C SER A 44 -0.72 3.90 19.71
N LEU A 45 0.11 4.15 18.70
CA LEU A 45 0.47 5.53 18.37
C LEU A 45 -0.73 6.27 17.78
N ILE A 46 -1.46 5.61 16.88
CA ILE A 46 -2.71 6.15 16.38
C ILE A 46 -3.68 6.39 17.53
N GLU A 47 -3.81 5.40 18.40
CA GLU A 47 -4.67 5.51 19.57
C GLU A 47 -4.22 6.67 20.46
N ALA A 48 -2.91 6.89 20.51
CA ALA A 48 -2.33 7.93 21.36
C ALA A 48 -2.55 9.32 20.78
N TYR A 49 -3.02 9.37 19.54
CA TYR A 49 -3.43 10.64 18.97
C TYR A 49 -4.96 10.75 18.92
N ALA A 50 -5.64 9.81 19.57
CA ALA A 50 -7.09 9.88 19.74
C ALA A 50 -7.82 9.71 18.41
N LEU A 51 -7.10 9.21 17.41
CA LEU A 51 -7.62 9.07 16.06
C LEU A 51 -8.70 7.98 15.97
N HIS A 52 -8.51 6.93 16.76
CA HIS A 52 -9.48 5.85 16.84
C HIS A 52 -10.85 6.42 17.15
N LYS A 53 -10.88 7.46 17.96
CA LYS A 53 -12.13 8.06 18.39
C LYS A 53 -12.87 8.73 17.24
N GLN A 54 -12.25 8.76 16.06
CA GLN A 54 -12.83 9.46 14.92
C GLN A 54 -13.17 8.51 13.76
N MET A 55 -12.93 7.22 13.95
CA MET A 55 -13.19 6.26 12.89
C MET A 55 -14.09 5.15 13.39
N ARG A 56 -14.75 4.46 12.46
CA ARG A 56 -15.54 3.31 12.83
C ARG A 56 -14.64 2.08 12.93
N ILE A 57 -14.53 1.54 14.13
CA ILE A 57 -13.71 0.35 14.36
C ILE A 57 -14.48 -0.87 13.88
N VAL A 58 -13.88 -1.63 12.97
CA VAL A 58 -14.49 -2.84 12.45
C VAL A 58 -13.55 -4.02 12.64
N LYS A 59 -14.03 -5.05 13.34
CA LYS A 59 -13.22 -6.21 13.63
C LYS A 59 -12.94 -6.99 12.34
N PRO A 60 -11.67 -7.36 12.11
CA PRO A 60 -11.34 -8.09 10.88
C PRO A 60 -11.87 -9.51 10.93
N LYS A 61 -12.50 -9.95 9.84
CA LYS A 61 -13.00 -11.31 9.75
C LYS A 61 -11.98 -12.22 9.04
N VAL A 62 -11.76 -13.40 9.60
CA VAL A 62 -10.78 -14.33 9.05
C VAL A 62 -11.20 -14.88 7.69
N ALA A 63 -10.28 -14.86 6.74
CA ALA A 63 -10.55 -15.34 5.40
C ALA A 63 -10.85 -16.84 5.40
N SER A 64 -11.92 -17.22 4.71
CA SER A 64 -12.24 -18.62 4.53
C SER A 64 -11.35 -19.18 3.43
N MET A 65 -11.32 -20.50 3.33
CA MET A 65 -10.50 -21.16 2.33
C MET A 65 -10.92 -20.70 0.93
N GLU A 66 -12.22 -20.72 0.69
CA GLU A 66 -12.74 -20.40 -0.63
C GLU A 66 -12.48 -18.93 -0.97
N GLU A 67 -12.38 -18.10 0.06
CA GLU A 67 -12.19 -16.66 -0.14
C GLU A 67 -10.81 -16.35 -0.66
N MET A 68 -9.83 -17.16 -0.25
CA MET A 68 -8.46 -16.98 -0.70
C MET A 68 -8.29 -17.63 -2.06
N ALA A 69 -8.98 -18.75 -2.26
CA ALA A 69 -8.89 -19.49 -3.50
C ALA A 69 -9.53 -18.72 -4.65
N THR A 70 -10.07 -17.55 -4.36
CA THR A 70 -10.58 -16.68 -5.41
C THR A 70 -9.41 -16.18 -6.26
N PHE A 71 -8.20 -16.19 -5.69
CA PHE A 71 -6.98 -15.85 -6.42
C PHE A 71 -5.98 -17.00 -6.41
N HIS A 72 -5.57 -17.42 -5.21
CA HIS A 72 -4.56 -18.47 -5.07
C HIS A 72 -5.12 -19.85 -5.32
N THR A 73 -4.29 -20.74 -5.86
CA THR A 73 -4.69 -22.11 -6.15
C THR A 73 -4.88 -22.89 -4.86
N ASP A 74 -5.71 -23.92 -4.92
CA ASP A 74 -5.92 -24.78 -3.77
C ASP A 74 -4.63 -25.51 -3.42
N ALA A 75 -3.84 -25.80 -4.45
CA ALA A 75 -2.56 -26.47 -4.27
C ALA A 75 -1.64 -25.61 -3.42
N TYR A 76 -1.51 -24.34 -3.78
CA TYR A 76 -0.66 -23.44 -3.02
C TYR A 76 -1.24 -23.16 -1.64
N LEU A 77 -2.56 -23.04 -1.57
CA LEU A 77 -3.21 -22.76 -0.30
C LEU A 77 -3.05 -23.95 0.64
N GLN A 78 -3.11 -25.16 0.09
CA GLN A 78 -2.86 -26.34 0.90
C GLN A 78 -1.37 -26.42 1.26
N HIS A 79 -0.51 -26.22 0.27
CA HIS A 79 0.93 -26.19 0.51
C HIS A 79 1.29 -25.18 1.60
N LEU A 80 0.47 -24.14 1.73
CA LEU A 80 0.73 -23.09 2.70
C LEU A 80 0.39 -23.55 4.12
N GLN A 81 -0.62 -24.42 4.23
CA GLN A 81 -0.96 -25.06 5.48
C GLN A 81 0.16 -25.97 5.92
N LYS A 82 0.64 -26.78 5.00
CA LYS A 82 1.74 -27.71 5.29
C LYS A 82 3.00 -27.05 5.82
N VAL A 83 3.55 -26.07 5.11
CA VAL A 83 4.77 -25.44 5.53
C VAL A 83 4.58 -24.75 6.89
N SER A 84 3.44 -24.07 7.04
CA SER A 84 3.11 -23.36 8.28
C SER A 84 2.89 -24.34 9.44
N GLN A 85 3.04 -25.63 9.15
CA GLN A 85 3.21 -26.62 10.21
C GLN A 85 4.67 -26.66 10.62
N GLY A 108 1.52 -20.28 12.51
CA GLY A 108 2.08 -20.49 11.19
C GLY A 108 1.67 -19.43 10.20
N ILE A 109 2.34 -19.39 9.06
CA ILE A 109 2.08 -18.37 8.04
C ILE A 109 0.66 -18.42 7.51
N PHE A 110 0.09 -19.62 7.45
CA PHE A 110 -1.25 -19.77 6.86
C PHE A 110 -2.29 -18.98 7.63
N ASP A 111 -2.16 -18.99 8.95
CA ASP A 111 -3.09 -18.25 9.81
C ASP A 111 -2.81 -16.76 9.70
N TYR A 112 -1.53 -16.42 9.60
CA TYR A 112 -1.12 -15.07 9.23
C TYR A 112 -1.81 -14.65 7.94
N ALA A 113 -1.61 -15.44 6.90
CA ALA A 113 -2.19 -15.16 5.59
C ALA A 113 -3.70 -15.07 5.71
N ALA A 114 -4.29 -15.92 6.54
CA ALA A 114 -5.73 -15.95 6.69
C ALA A 114 -6.25 -14.70 7.40
N ALA A 115 -5.55 -14.27 8.44
CA ALA A 115 -5.94 -13.07 9.17
C ALA A 115 -5.88 -11.87 8.25
N ILE A 116 -4.69 -11.62 7.69
CA ILE A 116 -4.46 -10.40 6.92
C ILE A 116 -5.33 -10.34 5.68
N GLY A 117 -5.41 -11.44 4.96
CA GLY A 117 -6.28 -11.47 3.78
C GLY A 117 -7.71 -11.15 4.18
N GLY A 118 -8.16 -11.75 5.27
CA GLY A 118 -9.51 -11.50 5.72
C GLY A 118 -9.75 -10.05 6.09
N ALA A 119 -8.72 -9.41 6.66
CA ALA A 119 -8.86 -8.02 7.09
C ALA A 119 -9.15 -7.13 5.90
N THR A 120 -8.49 -7.42 4.79
CA THR A 120 -8.56 -6.58 3.59
C THR A 120 -9.88 -6.83 2.86
N ILE A 121 -10.29 -8.08 2.82
CA ILE A 121 -11.61 -8.44 2.31
C ILE A 121 -12.66 -7.69 3.13
N THR A 122 -12.49 -7.71 4.44
CA THR A 122 -13.42 -7.05 5.36
C THR A 122 -13.53 -5.55 5.08
N ALA A 123 -12.39 -4.89 4.90
CA ALA A 123 -12.41 -3.46 4.60
C ALA A 123 -13.09 -3.23 3.26
N ALA A 124 -12.78 -4.08 2.29
CA ALA A 124 -13.36 -3.94 0.96
C ALA A 124 -14.85 -4.21 1.00
N GLN A 125 -15.26 -5.04 1.95
CA GLN A 125 -16.67 -5.35 2.15
C GLN A 125 -17.42 -4.12 2.66
N CYS A 126 -16.80 -3.40 3.58
CA CYS A 126 -17.40 -2.21 4.17
C CYS A 126 -17.61 -1.11 3.13
N LEU A 127 -16.68 -1.03 2.19
CA LEU A 127 -16.73 -0.02 1.15
C LEU A 127 -17.89 -0.31 0.21
N ILE A 128 -18.13 -1.59 -0.03
CA ILE A 128 -19.15 -2.00 -0.97
C ILE A 128 -20.53 -1.89 -0.37
N ASP A 129 -20.60 -2.12 0.93
CA ASP A 129 -21.85 -1.93 1.65
C ASP A 129 -22.06 -0.44 1.91
N GLY A 130 -21.01 0.34 1.67
CA GLY A 130 -21.15 1.78 1.66
C GLY A 130 -21.25 2.40 3.04
N MET A 131 -20.84 1.66 4.05
CA MET A 131 -20.86 2.21 5.40
C MET A 131 -19.72 3.21 5.57
N CYS A 132 -18.83 3.25 4.58
CA CYS A 132 -17.71 4.19 4.59
C CYS A 132 -17.27 4.52 3.17
N LYS A 133 -16.46 5.56 3.04
CA LYS A 133 -15.80 5.86 1.78
C LYS A 133 -14.31 5.50 1.86
N VAL A 134 -13.82 5.31 3.09
CA VAL A 134 -12.43 4.94 3.29
C VAL A 134 -12.32 3.81 4.32
N ALA A 135 -11.60 2.76 3.95
CA ALA A 135 -11.39 1.61 4.84
C ALA A 135 -9.90 1.36 5.00
N ILE A 136 -9.44 1.23 6.25
CA ILE A 136 -8.01 1.09 6.53
C ILE A 136 -7.58 -0.28 7.08
N ASN A 137 -6.56 -0.86 6.48
CA ASN A 137 -5.90 -2.04 7.04
C ASN A 137 -4.39 -1.90 6.92
N TRP A 138 -3.75 -1.38 7.96
CA TRP A 138 -2.32 -1.10 7.91
C TRP A 138 -1.46 -2.35 7.90
N SER A 139 -2.04 -3.49 8.23
CA SER A 139 -1.28 -4.74 8.24
C SER A 139 -1.38 -5.49 6.92
N GLY A 140 -2.01 -4.86 5.93
CA GLY A 140 -2.12 -5.49 4.63
C GLY A 140 -1.13 -4.91 3.63
N GLY A 141 -1.31 -5.25 2.36
CA GLY A 141 -0.48 -4.67 1.32
C GLY A 141 0.68 -5.54 0.89
N TRP A 142 0.51 -6.85 0.99
CA TRP A 142 1.58 -7.78 0.63
C TRP A 142 1.55 -8.09 -0.87
N HIS A 143 2.23 -7.26 -1.63
CA HIS A 143 1.99 -7.10 -3.05
C HIS A 143 2.75 -8.06 -3.97
N HIS A 144 3.68 -8.83 -3.40
CA HIS A 144 4.54 -9.67 -4.22
C HIS A 144 3.94 -11.05 -4.46
N ALA A 145 3.04 -11.47 -3.58
CA ALA A 145 2.47 -12.81 -3.62
C ALA A 145 1.81 -13.13 -4.98
N LYS A 146 2.13 -14.29 -5.52
CA LYS A 146 1.58 -14.71 -6.82
C LYS A 146 0.49 -15.76 -6.65
N LYS A 147 -0.13 -16.13 -7.77
CA LYS A 147 -1.26 -17.06 -7.77
C LYS A 147 -0.99 -18.34 -6.96
N ASP A 148 0.11 -19.02 -7.25
CA ASP A 148 0.41 -20.28 -6.57
C ASP A 148 1.87 -20.33 -6.14
N GLU A 149 2.46 -19.16 -5.88
CA GLU A 149 3.84 -19.07 -5.45
C GLU A 149 3.99 -17.88 -4.52
N ALA A 150 4.80 -18.05 -3.48
CA ALA A 150 5.08 -16.94 -2.58
C ALA A 150 6.39 -16.28 -3.00
N SER A 151 6.52 -14.99 -2.71
CA SER A 151 7.78 -14.29 -2.91
C SER A 151 7.76 -12.95 -2.19
N GLY A 152 8.96 -12.37 -2.00
CA GLY A 152 9.02 -11.06 -1.37
C GLY A 152 8.42 -11.09 0.01
N PHE A 153 8.43 -12.26 0.64
CA PHE A 153 7.92 -12.42 1.99
C PHE A 153 6.39 -12.31 2.03
N CYS A 154 5.78 -12.40 0.86
CA CYS A 154 4.32 -12.38 0.77
C CYS A 154 3.77 -13.76 0.38
N TYR A 155 3.04 -14.38 1.30
CA TYR A 155 2.54 -15.75 1.11
C TYR A 155 1.08 -15.75 0.73
N LEU A 156 0.48 -14.57 0.72
CA LEU A 156 -0.89 -14.42 0.26
C LEU A 156 -1.13 -12.96 -0.14
N ASN A 157 -1.66 -12.75 -1.33
CA ASN A 157 -1.85 -11.40 -1.82
C ASN A 157 -3.21 -10.86 -1.39
N ASP A 158 -3.23 -10.13 -0.28
CA ASP A 158 -4.46 -9.58 0.23
C ASP A 158 -4.96 -8.41 -0.62
N ALA A 159 -4.03 -7.75 -1.31
CA ALA A 159 -4.39 -6.63 -2.17
C ALA A 159 -5.32 -7.14 -3.26
N VAL A 160 -4.88 -8.21 -3.92
CA VAL A 160 -5.67 -8.84 -4.96
C VAL A 160 -7.05 -9.23 -4.40
N LEU A 161 -7.06 -9.89 -3.26
CA LEU A 161 -8.30 -10.36 -2.65
C LEU A 161 -9.30 -9.21 -2.44
N GLY A 162 -8.79 -8.08 -1.96
CA GLY A 162 -9.63 -6.92 -1.75
C GLY A 162 -10.12 -6.31 -3.05
N ILE A 163 -9.25 -6.26 -4.07
CA ILE A 163 -9.64 -5.76 -5.38
C ILE A 163 -10.77 -6.61 -5.95
N LEU A 164 -10.74 -7.90 -5.66
CA LEU A 164 -11.73 -8.82 -6.18
C LEU A 164 -13.09 -8.59 -5.53
N ARG A 165 -13.09 -8.42 -4.21
CA ARG A 165 -14.33 -8.15 -3.48
C ARG A 165 -14.96 -6.86 -4.00
N LEU A 166 -14.19 -5.79 -4.04
CA LEU A 166 -14.66 -4.51 -4.58
C LEU A 166 -15.37 -4.68 -5.93
N ARG A 167 -14.82 -5.56 -6.76
CA ARG A 167 -15.40 -5.81 -8.08
C ARG A 167 -16.85 -6.24 -8.04
N ARG A 168 -17.30 -6.74 -6.89
CA ARG A 168 -18.70 -7.11 -6.73
C ARG A 168 -19.60 -5.92 -7.03
N LYS A 169 -19.12 -4.72 -6.71
CA LYS A 169 -19.93 -3.52 -6.85
C LYS A 169 -19.31 -2.45 -7.74
N PHE A 170 -17.99 -2.47 -7.86
CA PHE A 170 -17.33 -1.44 -8.65
C PHE A 170 -16.78 -2.00 -9.95
N GLU A 171 -17.14 -1.34 -11.06
CA GLU A 171 -16.72 -1.79 -12.38
C GLU A 171 -15.21 -1.74 -12.51
N ARG A 172 -14.68 -0.53 -12.53
CA ARG A 172 -13.25 -0.34 -12.75
C ARG A 172 -12.57 -0.05 -11.42
N ILE A 173 -11.46 -0.73 -11.18
CA ILE A 173 -10.73 -0.55 -9.94
C ILE A 173 -9.32 -0.05 -10.24
N LEU A 174 -8.91 1.00 -9.53
CA LEU A 174 -7.54 1.50 -9.66
C LEU A 174 -6.69 1.08 -8.47
N TYR A 175 -5.72 0.21 -8.73
CA TYR A 175 -4.76 -0.16 -7.71
C TYR A 175 -3.53 0.72 -7.79
N VAL A 176 -3.30 1.53 -6.76
CA VAL A 176 -2.12 2.38 -6.73
C VAL A 176 -1.15 1.95 -5.64
N ASP A 177 0.10 1.73 -6.04
CA ASP A 177 1.10 1.19 -5.15
C ASP A 177 2.26 2.17 -5.05
N LEU A 178 2.55 2.62 -3.83
CA LEU A 178 3.60 3.60 -3.60
C LEU A 178 4.74 3.03 -2.76
N ASP A 179 4.67 1.72 -2.51
CA ASP A 179 5.74 0.99 -1.81
C ASP A 179 7.08 1.23 -2.49
N LEU A 180 8.17 0.86 -1.82
CA LEU A 180 9.50 0.98 -2.42
C LEU A 180 9.71 -0.03 -3.55
N HIS A 181 8.99 -1.16 -3.48
CA HIS A 181 9.16 -2.24 -4.45
C HIS A 181 7.99 -2.31 -5.43
N HIS A 182 8.30 -2.65 -6.67
CA HIS A 182 7.28 -2.95 -7.68
C HIS A 182 6.17 -3.88 -7.16
N GLY A 183 4.92 -3.53 -7.44
CA GLY A 183 3.81 -4.38 -7.03
C GLY A 183 3.46 -5.43 -8.07
N ASP A 184 4.35 -6.39 -8.26
CA ASP A 184 4.24 -7.34 -9.36
C ASP A 184 3.15 -8.40 -9.14
N GLY A 185 2.90 -8.75 -7.87
CA GLY A 185 1.87 -9.71 -7.57
C GLY A 185 0.49 -9.22 -7.93
N VAL A 186 0.20 -7.96 -7.60
CA VAL A 186 -1.09 -7.36 -7.91
C VAL A 186 -1.19 -7.08 -9.41
N GLU A 187 -0.08 -6.64 -10.00
CA GLU A 187 -0.03 -6.39 -11.43
C GLU A 187 -0.33 -7.68 -12.19
N ASP A 188 0.35 -8.76 -11.81
CA ASP A 188 0.12 -10.04 -12.45
C ASP A 188 -1.33 -10.47 -12.30
N ALA A 189 -1.85 -10.32 -11.10
CA ALA A 189 -3.21 -10.75 -10.80
C ALA A 189 -4.16 -10.31 -11.90
N PHE A 190 -4.00 -9.08 -12.37
CA PHE A 190 -4.96 -8.47 -13.27
C PHE A 190 -4.40 -8.07 -14.63
N SER A 191 -3.14 -8.41 -14.89
CA SER A 191 -2.44 -7.92 -16.06
C SER A 191 -3.14 -8.17 -17.39
N PHE A 192 -4.05 -9.14 -17.43
CA PHE A 192 -4.73 -9.47 -18.68
C PHE A 192 -6.04 -8.68 -18.89
N THR A 193 -6.56 -8.08 -17.83
CA THR A 193 -7.84 -7.38 -17.89
C THR A 193 -7.70 -5.85 -17.96
N SER A 194 -8.76 -5.19 -18.40
CA SER A 194 -8.78 -3.73 -18.49
C SER A 194 -9.68 -3.17 -17.41
N LYS A 195 -10.31 -4.06 -16.66
CA LYS A 195 -11.30 -3.66 -15.67
C LYS A 195 -10.63 -3.26 -14.35
N VAL A 196 -9.35 -3.59 -14.23
CA VAL A 196 -8.56 -3.18 -13.08
C VAL A 196 -7.20 -2.65 -13.53
N MET A 197 -6.93 -1.36 -13.30
CA MET A 197 -5.65 -0.80 -13.67
C MET A 197 -4.70 -0.75 -12.47
N THR A 198 -3.45 -1.14 -12.69
CA THR A 198 -2.42 -0.99 -11.66
C THR A 198 -1.44 0.09 -12.05
N VAL A 199 -1.07 0.91 -11.09
CA VAL A 199 -0.03 1.90 -11.27
C VAL A 199 0.97 1.75 -10.12
N SER A 200 2.25 1.67 -10.45
CA SER A 200 3.29 1.40 -9.46
C SER A 200 4.47 2.36 -9.57
N LEU A 201 4.68 3.14 -8.52
CA LEU A 201 5.86 3.98 -8.40
C LEU A 201 6.86 3.30 -7.49
N HIS A 202 7.97 2.83 -8.06
CA HIS A 202 8.90 2.00 -7.30
C HIS A 202 10.36 2.25 -7.68
N LYS A 203 11.25 1.71 -6.85
CA LYS A 203 12.68 1.73 -7.17
C LYS A 203 12.97 0.68 -8.22
N PHE A 204 13.52 1.11 -9.35
CA PHE A 204 13.91 0.19 -10.41
C PHE A 204 15.39 0.37 -10.72
N SER A 205 16.16 -0.67 -10.46
CA SER A 205 17.62 -0.60 -10.62
C SER A 205 18.18 -2.01 -10.53
N PRO A 206 19.34 -2.25 -11.17
CA PRO A 206 19.95 -3.59 -11.13
C PRO A 206 20.21 -4.08 -9.71
N GLY A 207 19.84 -5.33 -9.46
CA GLY A 207 20.09 -5.93 -8.16
C GLY A 207 18.92 -5.74 -7.20
N PHE A 208 17.96 -4.93 -7.62
CA PHE A 208 16.86 -4.55 -6.73
C PHE A 208 15.55 -5.28 -6.99
N PHE A 209 15.03 -5.89 -5.94
CA PHE A 209 13.84 -6.73 -6.01
C PHE A 209 12.61 -5.92 -6.41
N PRO A 210 11.69 -6.51 -7.19
CA PRO A 210 11.80 -7.81 -7.86
C PRO A 210 12.52 -7.74 -9.20
N GLY A 211 13.11 -6.60 -9.53
CA GLY A 211 13.85 -6.49 -10.77
C GLY A 211 12.94 -6.25 -11.97
N THR A 212 11.69 -5.95 -11.70
CA THR A 212 10.71 -5.69 -12.75
C THR A 212 10.02 -4.36 -12.57
N GLY A 213 9.26 -3.94 -13.58
CA GLY A 213 8.45 -2.75 -13.47
C GLY A 213 8.98 -1.54 -14.22
N ASP A 214 9.62 -1.78 -15.37
CA ASP A 214 10.07 -0.67 -16.18
C ASP A 214 8.88 -0.08 -16.91
N VAL A 215 9.02 1.17 -17.35
CA VAL A 215 7.95 1.87 -18.02
C VAL A 215 7.46 1.07 -19.23
N SER A 216 8.32 0.21 -19.77
CA SER A 216 7.95 -0.59 -20.94
C SER A 216 7.02 -1.75 -20.60
N ASP A 217 6.73 -1.93 -19.31
CA ASP A 217 5.83 -2.99 -18.88
C ASP A 217 4.39 -2.49 -18.77
N VAL A 218 3.51 -2.95 -19.66
CA VAL A 218 2.18 -2.34 -19.77
C VAL A 218 1.03 -3.33 -19.75
N GLY A 219 1.34 -4.61 -19.55
CA GLY A 219 0.30 -5.61 -19.51
C GLY A 219 0.12 -6.31 -20.83
N LEU A 220 -0.92 -7.12 -20.95
CA LEU A 220 -1.14 -7.93 -22.13
C LEU A 220 -2.62 -8.17 -22.36
N GLY A 221 -2.95 -8.69 -23.54
CA GLY A 221 -4.35 -8.95 -23.87
C GLY A 221 -5.17 -7.68 -23.92
N LYS A 222 -6.46 -7.82 -23.70
CA LYS A 222 -7.37 -6.69 -23.61
C LYS A 222 -6.89 -5.71 -22.55
N GLY A 223 -6.09 -6.20 -21.61
CA GLY A 223 -5.60 -5.36 -20.53
C GLY A 223 -4.26 -4.68 -20.82
N ARG A 224 -3.85 -4.68 -22.09
CA ARG A 224 -2.59 -4.04 -22.46
C ARG A 224 -2.66 -2.52 -22.32
N TYR A 225 -1.61 -1.94 -21.76
CA TYR A 225 -1.57 -0.52 -21.43
C TYR A 225 -2.39 -0.16 -20.19
N TYR A 226 -2.89 -1.18 -19.49
CA TYR A 226 -3.60 -0.93 -18.24
C TYR A 226 -2.77 -1.30 -17.02
N SER A 227 -1.52 -1.69 -17.25
CA SER A 227 -0.52 -1.68 -16.18
C SER A 227 0.38 -0.47 -16.39
N VAL A 228 0.75 0.19 -15.31
CA VAL A 228 1.58 1.38 -15.40
C VAL A 228 2.74 1.29 -14.41
N ASN A 229 3.95 1.53 -14.92
CA ASN A 229 5.12 1.42 -14.07
C ASN A 229 6.01 2.66 -14.16
N VAL A 230 6.42 3.14 -13.00
CA VAL A 230 7.17 4.37 -12.89
C VAL A 230 8.49 4.07 -12.19
N PRO A 231 9.53 3.71 -12.97
CA PRO A 231 10.86 3.38 -12.45
C PRO A 231 11.57 4.61 -11.89
N ILE A 232 11.95 4.54 -10.62
CA ILE A 232 12.55 5.67 -9.92
C ILE A 232 13.86 5.29 -9.25
N GLN A 233 14.78 6.24 -9.16
CA GLN A 233 16.11 6.01 -8.61
C GLN A 233 16.22 6.41 -7.13
N ASP A 234 17.41 6.21 -6.58
CA ASP A 234 17.66 6.48 -5.16
C ASP A 234 17.64 7.97 -4.87
N GLY A 235 17.36 8.30 -3.61
CA GLY A 235 17.61 9.64 -3.13
C GLY A 235 16.53 10.65 -3.45
N ILE A 236 15.46 10.19 -4.09
CA ILE A 236 14.37 11.09 -4.46
C ILE A 236 13.63 11.62 -3.25
N GLN A 237 13.14 12.85 -3.37
CA GLN A 237 12.54 13.56 -2.24
C GLN A 237 11.10 14.02 -2.46
N ASP A 238 10.44 14.38 -1.36
CA ASP A 238 9.01 14.57 -1.32
C ASP A 238 8.45 15.30 -2.54
N GLU A 239 9.08 16.42 -2.89
CA GLU A 239 8.54 17.31 -3.92
C GLU A 239 8.57 16.65 -5.29
N LYS A 240 9.74 16.19 -5.71
CA LYS A 240 9.90 15.54 -7.00
C LYS A 240 9.01 14.30 -7.08
N TYR A 241 8.81 13.63 -5.95
CA TYR A 241 8.01 12.43 -5.90
C TYR A 241 6.53 12.75 -6.13
N TYR A 242 6.04 13.78 -5.47
CA TYR A 242 4.64 14.14 -5.60
C TYR A 242 4.33 14.74 -6.97
N GLN A 243 5.32 15.36 -7.59
CA GLN A 243 5.12 15.89 -8.94
C GLN A 243 4.98 14.75 -9.95
N ILE A 244 5.90 13.79 -9.87
CA ILE A 244 5.83 12.59 -10.69
C ILE A 244 4.52 11.85 -10.48
N CYS A 245 4.16 11.70 -9.21
CA CYS A 245 2.97 10.93 -8.83
C CYS A 245 1.70 11.60 -9.31
N GLU A 246 1.50 12.85 -8.91
CA GLU A 246 0.32 13.59 -9.34
C GLU A 246 0.22 13.59 -10.86
N SER A 247 1.35 13.82 -11.51
CA SER A 247 1.41 13.87 -12.95
C SER A 247 0.79 12.63 -13.56
N VAL A 248 1.13 11.46 -13.00
CA VAL A 248 0.66 10.21 -13.55
C VAL A 248 -0.77 9.89 -13.16
N LEU A 249 -1.11 10.17 -11.90
CA LEU A 249 -2.45 9.88 -11.42
C LEU A 249 -3.50 10.76 -12.09
N LYS A 250 -3.09 11.92 -12.58
CA LYS A 250 -4.01 12.80 -13.28
C LYS A 250 -4.33 12.23 -14.66
N GLU A 251 -3.32 11.71 -15.33
CA GLU A 251 -3.46 11.11 -16.65
C GLU A 251 -4.28 9.83 -16.54
N VAL A 252 -3.92 9.00 -15.57
CA VAL A 252 -4.56 7.70 -15.39
C VAL A 252 -6.02 7.89 -15.00
N TYR A 253 -6.29 8.94 -14.22
CA TYR A 253 -7.63 9.20 -13.75
C TYR A 253 -8.54 9.51 -14.93
N GLN A 254 -8.11 10.45 -15.76
CA GLN A 254 -8.90 10.86 -16.92
C GLN A 254 -9.08 9.70 -17.89
N ALA A 255 -8.08 8.83 -17.97
CA ALA A 255 -8.04 7.80 -19.00
C ALA A 255 -8.85 6.58 -18.60
N PHE A 256 -8.84 6.25 -17.31
CA PHE A 256 -9.41 5.00 -16.83
C PHE A 256 -10.80 5.18 -16.26
N ASN A 257 -10.98 6.22 -15.45
CA ASN A 257 -12.28 6.55 -14.87
C ASN A 257 -12.74 5.51 -13.86
N PRO A 258 -11.98 5.32 -12.78
CA PRO A 258 -12.24 4.33 -11.73
C PRO A 258 -13.50 4.59 -10.93
N LYS A 259 -14.06 3.52 -10.37
CA LYS A 259 -15.18 3.61 -9.43
C LYS A 259 -14.68 3.27 -8.04
N ALA A 260 -13.51 2.63 -7.97
CA ALA A 260 -12.90 2.32 -6.68
C ALA A 260 -11.39 2.51 -6.72
N VAL A 261 -10.79 2.58 -5.54
CA VAL A 261 -9.34 2.73 -5.42
C VAL A 261 -8.80 1.84 -4.31
N VAL A 262 -7.66 1.22 -4.58
CA VAL A 262 -6.93 0.49 -3.57
C VAL A 262 -5.49 1.01 -3.51
N LEU A 263 -5.10 1.48 -2.33
CA LEU A 263 -3.86 2.22 -2.17
C LEU A 263 -2.91 1.54 -1.19
N GLN A 264 -1.81 1.00 -1.70
CA GLN A 264 -0.76 0.43 -0.85
C GLN A 264 0.25 1.53 -0.54
N LEU A 265 0.49 1.76 0.75
CA LEU A 265 1.43 2.80 1.15
C LEU A 265 2.55 2.24 2.01
N GLY A 266 3.39 1.40 1.42
CA GLY A 266 4.55 0.87 2.11
C GLY A 266 5.50 1.96 2.57
N ALA A 267 5.87 1.90 3.85
CA ALA A 267 6.64 2.97 4.49
C ALA A 267 8.13 2.79 4.25
N ASP A 268 8.49 1.77 3.48
CA ASP A 268 9.88 1.50 3.19
C ASP A 268 10.46 2.42 2.11
N THR A 269 9.88 3.60 1.99
CA THR A 269 10.41 4.64 1.10
C THR A 269 10.79 5.84 1.95
N ILE A 270 10.52 5.74 3.24
CA ILE A 270 10.79 6.82 4.18
C ILE A 270 12.24 6.81 4.63
N ALA A 271 12.84 8.00 4.65
CA ALA A 271 14.23 8.16 5.06
C ALA A 271 14.54 7.40 6.34
N GLY A 272 15.74 6.82 6.40
CA GLY A 272 16.17 6.14 7.61
C GLY A 272 15.86 4.66 7.60
N ASP A 273 15.17 4.22 6.56
CA ASP A 273 14.78 2.82 6.47
C ASP A 273 15.95 1.95 6.01
N PRO A 274 16.02 0.72 6.54
CA PRO A 274 17.10 -0.22 6.23
C PRO A 274 17.29 -0.45 4.72
N MET A 275 16.25 -0.18 3.93
CA MET A 275 16.32 -0.33 2.48
C MET A 275 17.22 0.74 1.87
N CYS A 276 17.23 1.91 2.49
CA CYS A 276 18.25 2.91 2.19
C CYS A 276 18.32 3.28 0.71
N SER A 277 17.17 3.63 0.14
CA SER A 277 17.08 3.97 -1.28
C SER A 277 16.50 5.37 -1.51
N PHE A 278 15.19 5.49 -1.37
CA PHE A 278 14.54 6.78 -1.54
C PHE A 278 14.84 7.70 -0.36
N ASN A 279 14.51 8.97 -0.50
CA ASN A 279 14.71 9.94 0.56
C ASN A 279 13.41 10.68 0.84
N MET A 280 12.36 9.94 1.20
CA MET A 280 11.01 10.48 1.38
C MET A 280 10.67 10.70 2.86
N THR A 281 9.68 11.55 3.10
CA THR A 281 9.06 11.63 4.41
C THR A 281 7.56 11.47 4.25
N PRO A 282 6.84 11.25 5.36
CA PRO A 282 5.38 11.08 5.33
C PRO A 282 4.63 12.23 4.66
N VAL A 283 5.16 13.45 4.79
CA VAL A 283 4.51 14.61 4.19
C VAL A 283 4.33 14.41 2.69
N GLY A 284 5.36 13.87 2.04
CA GLY A 284 5.29 13.65 0.61
C GLY A 284 4.30 12.58 0.24
N ILE A 285 4.23 11.51 1.02
CA ILE A 285 3.29 10.43 0.74
C ILE A 285 1.87 10.89 1.01
N GLY A 286 1.69 11.68 2.06
CA GLY A 286 0.38 12.18 2.40
C GLY A 286 -0.17 13.09 1.33
N LYS A 287 0.74 13.77 0.63
CA LYS A 287 0.35 14.67 -0.46
C LYS A 287 -0.24 13.85 -1.61
N CYS A 288 0.35 12.68 -1.85
CA CYS A 288 -0.17 11.75 -2.85
C CYS A 288 -1.51 11.19 -2.38
N LEU A 289 -1.60 10.94 -1.08
CA LEU A 289 -2.81 10.40 -0.49
C LEU A 289 -3.93 11.40 -0.61
N LYS A 290 -3.66 12.63 -0.19
CA LYS A 290 -4.67 13.67 -0.17
C LYS A 290 -5.15 13.96 -1.58
N TYR A 291 -4.21 13.99 -2.52
CA TYR A 291 -4.56 14.19 -3.91
C TYR A 291 -5.61 13.16 -4.33
N ILE A 292 -5.30 11.89 -4.10
CA ILE A 292 -6.22 10.80 -4.42
C ILE A 292 -7.56 10.97 -3.70
N LEU A 293 -7.53 11.43 -2.46
CA LEU A 293 -8.74 11.53 -1.68
C LEU A 293 -9.72 12.50 -2.32
N GLN A 294 -9.19 13.51 -3.00
CA GLN A 294 -10.04 14.50 -3.64
C GLN A 294 -11.07 13.79 -4.49
N TRP A 295 -10.65 12.72 -5.16
CA TRP A 295 -11.53 11.97 -6.05
C TRP A 295 -12.79 11.51 -5.35
N GLN A 296 -12.69 11.28 -4.05
CA GLN A 296 -13.84 10.86 -3.26
C GLN A 296 -14.41 9.53 -3.74
N LEU A 297 -13.55 8.67 -4.28
CA LEU A 297 -13.96 7.31 -4.63
C LEU A 297 -13.83 6.41 -3.41
N ALA A 298 -14.53 5.28 -3.42
CA ALA A 298 -14.31 4.27 -2.40
C ALA A 298 -12.83 3.88 -2.42
N THR A 299 -12.19 3.94 -1.26
CA THR A 299 -10.74 3.80 -1.21
C THR A 299 -10.28 2.87 -0.12
N LEU A 300 -9.83 1.68 -0.52
CA LEU A 300 -9.27 0.71 0.42
C LEU A 300 -7.80 1.02 0.67
N ILE A 301 -7.48 1.43 1.89
CA ILE A 301 -6.12 1.82 2.26
C ILE A 301 -5.36 0.65 2.87
N LEU A 302 -4.14 0.40 2.39
CA LEU A 302 -3.31 -0.69 2.88
C LEU A 302 -1.91 -0.23 3.28
N GLY A 303 -1.28 -0.96 4.19
CA GLY A 303 0.10 -0.68 4.54
C GLY A 303 1.07 -1.41 3.62
N GLY A 304 2.29 -1.66 4.08
CA GLY A 304 3.23 -2.42 3.27
C GLY A 304 4.56 -2.71 3.95
N GLY A 305 5.65 -2.56 3.20
CA GLY A 305 6.97 -2.72 3.77
C GLY A 305 7.23 -1.71 4.87
N GLY A 306 8.49 -1.52 5.24
CA GLY A 306 8.82 -0.63 6.33
C GLY A 306 9.47 -1.36 7.49
N TYR A 307 10.79 -1.50 7.43
CA TYR A 307 11.56 -2.22 8.44
C TYR A 307 12.08 -1.30 9.54
N ASN A 308 11.89 0.01 9.37
CA ASN A 308 12.13 0.93 10.45
C ASN A 308 10.84 1.08 11.25
N LEU A 309 10.79 0.44 12.40
CA LEU A 309 9.54 0.23 13.12
C LEU A 309 8.90 1.55 13.53
N ALA A 310 9.64 2.39 14.24
CA ALA A 310 9.10 3.64 14.75
C ALA A 310 8.82 4.62 13.62
N ASN A 311 9.66 4.61 12.60
CA ASN A 311 9.45 5.46 11.44
C ASN A 311 8.17 5.07 10.71
N THR A 312 7.92 3.77 10.64
CA THR A 312 6.76 3.27 9.94
C THR A 312 5.48 3.62 10.69
N ALA A 313 5.57 3.62 12.03
CA ALA A 313 4.45 4.02 12.87
C ALA A 313 4.20 5.51 12.74
N ARG A 314 5.27 6.28 12.66
CA ARG A 314 5.18 7.72 12.47
C ARG A 314 4.45 8.03 11.17
N CYS A 315 4.74 7.25 10.15
CA CYS A 315 4.24 7.55 8.82
C CYS A 315 2.74 7.29 8.71
N TRP A 316 2.31 6.13 9.13
CA TRP A 316 0.92 5.73 8.91
C TRP A 316 -0.02 6.45 9.86
N THR A 317 0.51 6.92 10.98
CA THR A 317 -0.26 7.75 11.90
C THR A 317 -0.53 9.09 11.23
N TYR A 318 0.55 9.70 10.74
CA TYR A 318 0.46 10.94 9.99
C TYR A 318 -0.55 10.81 8.86
N LEU A 319 -0.43 9.74 8.09
CA LEU A 319 -1.34 9.50 6.97
C LEU A 319 -2.77 9.29 7.44
N THR A 320 -2.92 8.54 8.53
CA THR A 320 -4.22 8.31 9.13
C THR A 320 -4.79 9.64 9.59
N GLY A 321 -3.92 10.55 9.99
CA GLY A 321 -4.34 11.91 10.25
C GLY A 321 -4.77 12.61 8.98
N VAL A 322 -3.97 12.48 7.93
CA VAL A 322 -4.32 13.04 6.62
C VAL A 322 -5.70 12.58 6.16
N ILE A 323 -6.00 11.29 6.33
CA ILE A 323 -7.31 10.79 5.95
C ILE A 323 -8.40 11.48 6.77
N LEU A 324 -8.13 11.71 8.06
CA LEU A 324 -9.08 12.36 8.95
C LEU A 324 -9.04 13.89 8.78
N GLY A 325 -8.04 14.38 8.06
CA GLY A 325 -7.94 15.80 7.82
C GLY A 325 -7.59 16.60 9.06
N LYS A 326 -7.02 15.93 10.07
CA LYS A 326 -6.69 16.57 11.33
C LYS A 326 -5.19 16.57 11.61
N THR A 327 -4.55 17.72 11.44
CA THR A 327 -3.13 17.84 11.72
C THR A 327 -2.79 17.40 13.14
N LEU A 328 -1.73 16.60 13.28
CA LEU A 328 -1.33 16.08 14.58
C LEU A 328 -0.24 16.96 15.20
N SER A 329 0.10 16.69 16.46
CA SER A 329 1.15 17.44 17.14
C SER A 329 2.51 16.78 16.95
N SER A 330 3.54 17.60 16.83
CA SER A 330 4.88 17.13 16.51
C SER A 330 5.43 16.23 17.60
N GLU A 331 4.89 16.39 18.81
CA GLU A 331 5.38 15.66 19.97
C GLU A 331 4.64 14.35 20.17
N ILE A 332 5.36 13.24 20.04
CA ILE A 332 4.79 11.92 20.29
C ILE A 332 4.17 11.89 21.68
N PRO A 333 2.86 11.63 21.76
CA PRO A 333 2.17 11.54 23.05
C PRO A 333 2.60 10.30 23.83
N ASP A 334 2.82 10.47 25.12
CA ASP A 334 3.27 9.35 25.92
C ASP A 334 2.30 8.19 25.71
N HIS A 335 2.85 7.01 25.50
CA HIS A 335 2.06 5.81 25.34
C HIS A 335 3.00 4.61 25.42
N GLU A 336 2.46 3.42 25.20
CA GLU A 336 3.20 2.19 25.48
C GLU A 336 4.60 2.13 24.87
N PHE A 337 4.79 2.78 23.73
CA PHE A 337 6.06 2.68 23.02
C PHE A 337 6.72 4.03 22.86
N PHE A 338 6.51 4.91 23.83
CA PHE A 338 7.04 6.26 23.76
C PHE A 338 8.56 6.31 23.60
N THR A 339 9.25 5.38 24.25
CA THR A 339 10.71 5.37 24.26
C THR A 339 11.29 5.00 22.90
N ALA A 340 10.49 4.35 22.07
CA ALA A 340 10.95 3.90 20.78
C ALA A 340 11.19 5.08 19.86
N TYR A 341 10.68 6.24 20.25
CA TYR A 341 10.71 7.42 19.40
C TYR A 341 11.78 8.43 19.81
N GLY A 342 12.57 8.07 20.83
CA GLY A 342 13.66 8.93 21.23
C GLY A 342 14.67 9.04 20.10
N PRO A 343 15.63 9.98 20.20
CA PRO A 343 15.84 10.90 21.33
C PRO A 343 14.94 12.14 21.37
N ASP A 344 14.36 12.51 20.24
CA ASP A 344 13.60 13.77 20.16
C ASP A 344 12.10 13.55 20.26
N TYR A 345 11.64 12.34 19.97
CA TYR A 345 10.23 12.00 20.19
C TYR A 345 9.29 12.88 19.38
N VAL A 346 9.67 13.17 18.14
CA VAL A 346 8.79 13.92 17.25
C VAL A 346 8.25 13.04 16.13
N LEU A 347 7.23 13.55 15.45
CA LEU A 347 6.53 12.77 14.46
C LEU A 347 7.18 12.99 13.09
N GLU A 348 7.68 14.20 12.86
CA GLU A 348 8.33 14.54 11.60
C GLU A 348 9.63 13.78 11.39
N ILE A 349 9.81 13.29 10.17
CA ILE A 349 11.02 12.57 9.80
C ILE A 349 11.94 13.42 8.94
N THR A 350 13.24 13.31 9.18
CA THR A 350 14.22 14.12 8.47
C THR A 350 14.86 13.34 7.33
N PRO A 351 15.03 13.99 6.16
CA PRO A 351 15.76 13.37 5.06
C PRO A 351 17.23 13.17 5.42
N SER A 352 17.80 12.07 4.93
CA SER A 352 19.22 11.82 5.11
C SER A 352 20.02 12.60 4.08
N CYS A 353 21.32 12.71 4.33
CA CYS A 353 22.22 13.34 3.39
C CYS A 353 22.63 12.33 2.33
N ARG A 354 22.06 12.46 1.14
CA ARG A 354 22.36 11.55 0.04
C ARG A 354 21.98 12.23 -1.27
N PRO A 355 22.54 11.76 -2.39
CA PRO A 355 22.24 12.29 -3.72
C PRO A 355 20.86 11.88 -4.23
N ASP A 356 20.18 12.79 -4.91
CA ASP A 356 19.02 12.45 -5.71
C ASP A 356 19.54 11.89 -7.04
N ARG A 357 19.27 10.63 -7.30
CA ARG A 357 19.83 9.98 -8.48
C ARG A 357 18.93 10.12 -9.69
N ASN A 358 17.84 10.88 -9.56
CA ASN A 358 16.86 11.02 -10.63
C ASN A 358 17.09 12.27 -11.48
N GLU A 359 17.59 12.07 -12.70
CA GLU A 359 17.81 13.18 -13.62
C GLU A 359 16.51 13.64 -14.27
N PRO A 360 16.25 14.95 -14.25
CA PRO A 360 15.00 15.51 -14.78
C PRO A 360 14.71 15.07 -16.20
N HIS A 361 15.75 14.90 -16.99
CA HIS A 361 15.57 14.49 -18.38
C HIS A 361 15.05 13.05 -18.50
N ARG A 362 15.61 12.14 -17.71
CA ARG A 362 15.15 10.76 -17.72
C ARG A 362 13.72 10.66 -17.22
N ILE A 363 13.38 11.48 -16.23
CA ILE A 363 12.03 11.46 -15.68
C ILE A 363 11.00 11.82 -16.74
N GLN A 364 11.29 12.84 -17.54
CA GLN A 364 10.34 13.24 -18.58
C GLN A 364 10.23 12.18 -19.67
N GLN A 365 11.33 11.49 -19.95
CA GLN A 365 11.27 10.36 -20.88
C GLN A 365 10.31 9.33 -20.34
N ILE A 366 10.46 8.99 -19.06
CA ILE A 366 9.59 8.02 -18.42
C ILE A 366 8.13 8.45 -18.52
N LEU A 367 7.86 9.71 -18.21
CA LEU A 367 6.50 10.22 -18.22
C LEU A 367 5.87 10.25 -19.62
N ASN A 368 6.62 10.78 -20.59
CA ASN A 368 6.13 10.88 -21.95
C ASN A 368 5.79 9.50 -22.50
N TYR A 369 6.62 8.53 -22.14
CA TYR A 369 6.38 7.14 -22.53
C TYR A 369 5.07 6.65 -21.93
N ILE A 370 4.91 6.89 -20.63
CA ILE A 370 3.66 6.57 -19.93
C ILE A 370 2.47 7.27 -20.59
N LYS A 371 2.68 8.51 -20.98
CA LYS A 371 1.66 9.28 -21.67
C LYS A 371 1.33 8.63 -23.02
N GLY A 372 2.34 8.01 -23.62
CA GLY A 372 2.12 7.31 -24.87
C GLY A 372 1.21 6.11 -24.62
N ASN A 373 1.53 5.37 -23.57
CA ASN A 373 0.76 4.18 -23.25
C ASN A 373 -0.69 4.53 -22.97
N LEU A 374 -0.93 5.70 -22.41
CA LEU A 374 -2.28 6.07 -21.98
C LEU A 374 -3.18 6.55 -23.10
N LYS A 375 -2.60 6.77 -24.28
CA LYS A 375 -3.40 7.05 -25.47
C LYS A 375 -4.23 5.84 -25.89
N HIS A 376 -3.88 4.67 -25.35
CA HIS A 376 -4.59 3.44 -25.65
C HIS A 376 -5.69 3.15 -24.63
N VAL A 377 -5.57 3.73 -23.45
CA VAL A 377 -6.53 3.48 -22.39
C VAL A 377 -7.82 4.27 -22.62
N VAL A 378 -8.93 3.56 -22.75
CA VAL A 378 -10.25 4.20 -22.68
C VAL A 378 -11.22 3.29 -21.91
K K B . 5.38 0.41 -5.76
K K C . -4.21 -4.58 -15.74
ZN ZN D . 8.42 -2.92 -0.02
C ACT E . -0.12 -19.77 15.48
O ACT E . 0.48 -20.74 15.92
OXT ACT E . -0.66 -19.71 14.23
CH3 ACT E . -0.37 -18.51 16.29
C ACT F . 1.72 -12.57 4.39
O ACT F . 2.27 -12.41 5.47
OXT ACT F . 2.35 -12.93 3.26
CH3 ACT F . 0.21 -12.35 4.17
C ACT G . 14.35 3.74 1.76
O ACT G . 13.96 2.74 2.38
OXT ACT G . 14.05 3.99 0.47
CH3 ACT G . 15.25 4.81 2.38
N1 1DI H . 7.28 -4.85 0.31
C2 1DI H . 8.09 -6.08 0.34
C3 1DI H . 7.36 -7.25 1.11
C4 1DI H . 6.91 -6.91 2.55
C5 1DI H . 7.83 -7.20 3.66
C6 1DI H . 7.47 -6.90 5.01
C7 1DI H . 6.18 -6.32 5.30
CL8 1DI H . 5.75 -5.95 6.94
C9 1DI H . 5.26 -6.03 4.23
C10 1DI H . 5.60 -6.31 2.86
CL11 1DI H . 4.40 -5.93 1.64
C12 1DI H . 9.51 -5.87 0.94
O13 1DI H . 9.56 -4.97 1.77
N14 1DI H . 10.67 -6.62 0.63
C15 1DI H . 10.61 -7.71 -0.38
C16 1DI H . 12.08 -8.08 -0.45
C17 1DI H . 12.72 -9.03 -1.33
C18 1DI H . 14.16 -9.24 -1.22
C19 1DI H . 14.93 -8.49 -0.25
C20 1DI H . 14.28 -7.54 0.62
C21 1DI H . 12.85 -7.34 0.51
C22 1DI H . 11.96 -6.40 1.32
#